data_5Z8L
#
_entry.id   5Z8L
#
_cell.length_a   36.247
_cell.length_b   60.299
_cell.length_c   98.038
_cell.angle_alpha   90.00
_cell.angle_beta   90.00
_cell.angle_gamma   90.00
#
_symmetry.space_group_name_H-M   'P 21 21 21'
#
loop_
_entity.id
_entity.type
_entity.pdbx_description
1 polymer 'Chromatin remodeling protein EBS'
2 polymer 'H3K27me3 peptide'
3 non-polymer 'ZINC ION'
4 water water
#
loop_
_entity_poly.entity_id
_entity_poly.type
_entity_poly.pdbx_seq_one_letter_code
_entity_poly.pdbx_strand_id
1 'polypeptide(L)'
;MAKTRPGVASKIKTGRKELDSYTIKGTNKVVRAGDCVLMRPSDAGKPPYVARVEKIEADARNNVKVHCRWYYRPEESLGG
RRQFHGAKELFLSDHFDVQSAHTIEGKCIVHTFKNYTRLENVGAEDYYCRFEYKAATGAFTPDRVAVYCKCEMPYNPDDL
MVQCEGCKDWYHPACVGMTIEEAKKLDHFVCAECSSDDDVAASQNGFTSSPADDVKVRLSLFSHLLYRCSITYL
;
A
2 'polypeptide(L)' LATKAAR(M3L)SAPATGGV P
#
loop_
_chem_comp.id
_chem_comp.type
_chem_comp.name
_chem_comp.formula
ZN non-polymer 'ZINC ION' 'Zn 2'
#
# COMPACT_ATOMS: atom_id res chain seq x y z
N MET A 1 -10.67 24.72 -5.12
CA MET A 1 -10.94 23.30 -4.91
C MET A 1 -11.98 23.08 -3.82
N ALA A 2 -13.18 22.67 -4.21
CA ALA A 2 -14.25 22.42 -3.26
C ALA A 2 -14.47 20.92 -3.06
N LYS A 3 -14.36 20.47 -1.82
CA LYS A 3 -14.61 19.08 -1.47
C LYS A 3 -15.23 18.96 -0.08
N THR A 4 -15.80 17.80 0.21
CA THR A 4 -16.48 17.58 1.48
C THR A 4 -15.54 17.02 2.54
N ARG A 5 -15.99 17.06 3.78
CA ARG A 5 -15.24 16.49 4.90
C ARG A 5 -16.17 15.59 5.72
N PRO A 6 -16.21 14.30 5.37
CA PRO A 6 -17.12 13.32 5.99
C PRO A 6 -16.95 13.28 7.51
N GLY A 7 -18.07 13.42 8.23
CA GLY A 7 -18.04 13.50 9.68
C GLY A 7 -17.68 12.21 10.38
N VAL A 8 -18.03 11.07 9.82
CA VAL A 8 -17.66 9.81 10.41
C VAL A 8 -16.87 8.93 9.46
N ALA A 9 -15.90 8.20 10.00
CA ALA A 9 -15.14 7.29 9.17
C ALA A 9 -15.68 5.87 9.08
N SER A 10 -16.40 5.43 10.08
CA SER A 10 -16.97 4.10 10.09
C SER A 10 -18.50 4.12 10.17
N LYS A 11 -19.16 3.36 9.29
CA LYS A 11 -20.60 3.23 9.29
C LYS A 11 -21.20 2.19 10.26
N ILE A 12 -20.40 1.32 10.85
CA ILE A 12 -20.92 0.30 11.75
C ILE A 12 -21.07 0.84 13.17
N LYS A 13 -22.17 0.60 13.85
CA LYS A 13 -22.23 0.79 15.31
C LYS A 13 -21.73 2.14 15.76
N THR A 14 -22.29 3.14 15.13
CA THR A 14 -21.87 4.49 15.32
C THR A 14 -22.30 4.94 16.72
N GLY A 15 -23.14 4.14 17.33
CA GLY A 15 -23.65 4.39 18.66
C GLY A 15 -22.69 4.46 19.82
N ARG A 16 -21.55 3.81 19.72
CA ARG A 16 -20.56 3.84 20.79
C ARG A 16 -19.80 5.15 20.87
N LYS A 17 -19.29 5.46 22.05
CA LYS A 17 -18.37 6.55 22.20
C LYS A 17 -16.94 6.17 21.77
N GLU A 18 -16.26 7.08 21.07
CA GLU A 18 -14.92 6.79 20.59
C GLU A 18 -13.91 6.90 21.72
N LEU A 19 -12.93 6.00 21.71
CA LEU A 19 -11.73 6.18 22.51
C LEU A 19 -10.79 7.05 21.69
N ASP A 20 -10.12 7.99 22.34
CA ASP A 20 -9.14 8.82 21.65
C ASP A 20 -7.96 7.98 21.17
N SER A 21 -7.56 7.01 21.98
CA SER A 21 -6.40 6.19 21.63
C SER A 21 -6.38 4.84 22.33
N TYR A 22 -5.46 3.99 21.89
CA TYR A 22 -5.20 2.71 22.54
C TYR A 22 -3.70 2.41 22.48
N THR A 23 -3.12 2.08 23.63
CA THR A 23 -1.70 1.78 23.71
C THR A 23 -1.48 0.26 23.68
N ILE A 24 -0.65 -0.19 22.74
CA ILE A 24 -0.31 -1.61 22.65
C ILE A 24 0.35 -2.06 23.94
N LYS A 25 -0.19 -3.12 24.54
CA LYS A 25 0.24 -3.64 25.83
C LYS A 25 1.76 -3.80 25.93
N GLY A 26 2.34 -3.16 26.95
CA GLY A 26 3.76 -3.29 27.22
C GLY A 26 4.66 -2.43 26.35
N THR A 27 4.04 -1.57 25.54
CA THR A 27 4.81 -0.71 24.63
C THR A 27 4.46 0.76 24.78
N ASN A 28 5.19 1.61 24.07
CA ASN A 28 4.90 3.03 24.00
C ASN A 28 4.19 3.38 22.69
N LYS A 29 3.71 2.35 22.00
CA LYS A 29 3.05 2.52 20.71
C LYS A 29 1.57 2.85 20.89
N VAL A 30 1.21 4.09 20.59
CA VAL A 30 -0.15 4.57 20.77
C VAL A 30 -0.90 4.60 19.44
N VAL A 31 -2.02 3.89 19.39
CA VAL A 31 -2.83 3.81 18.18
C VAL A 31 -4.03 4.77 18.28
N ARG A 32 -4.21 5.58 17.24
CA ARG A 32 -5.35 6.49 17.16
C ARG A 32 -6.06 6.29 15.83
N ALA A 33 -7.26 6.85 15.70
CA ALA A 33 -8.00 6.79 14.45
C ALA A 33 -7.16 7.37 13.31
N GLY A 34 -7.13 6.68 12.18
CA GLY A 34 -6.32 7.11 11.06
C GLY A 34 -4.98 6.40 10.94
N ASP A 35 -4.51 5.83 12.05
CA ASP A 35 -3.24 5.10 12.05
C ASP A 35 -3.38 3.76 11.34
N CYS A 36 -2.28 3.27 10.79
CA CYS A 36 -2.30 1.93 10.22
C CYS A 36 -1.58 0.96 11.17
N VAL A 37 -2.08 -0.27 11.23
CA VAL A 37 -1.57 -1.23 12.20
C VAL A 37 -1.35 -2.60 11.58
N LEU A 38 -0.47 -3.37 12.22
CA LEU A 38 -0.21 -4.75 11.90
C LEU A 38 -0.92 -5.62 12.92
N MET A 39 -1.56 -6.69 12.45
CA MET A 39 -2.30 -7.59 13.32
C MET A 39 -1.85 -9.03 13.07
N ARG A 40 -1.87 -9.86 14.10
CA ARG A 40 -1.49 -11.26 13.91
C ARG A 40 -2.49 -12.00 13.02
N PRO A 41 -1.99 -12.67 11.97
CA PRO A 41 -2.83 -13.46 11.08
C PRO A 41 -3.23 -14.80 11.69
N SER A 42 -4.28 -15.42 11.16
CA SER A 42 -4.70 -16.74 11.63
C SER A 42 -3.59 -17.76 11.40
N ASP A 43 -3.21 -17.93 10.14
CA ASP A 43 -2.13 -18.82 9.77
C ASP A 43 -0.77 -18.32 10.27
N ALA A 44 -0.06 -19.21 10.95
CA ALA A 44 1.25 -18.87 11.52
C ALA A 44 2.32 -18.83 10.44
N GLY A 45 3.34 -18.00 10.67
CA GLY A 45 4.45 -17.90 9.74
C GLY A 45 4.22 -16.95 8.59
N LYS A 46 3.03 -16.46 8.44
CA LYS A 46 2.69 -15.57 7.35
C LYS A 46 2.70 -14.11 7.82
N PRO A 47 2.91 -13.18 6.87
CA PRO A 47 2.98 -11.76 7.23
C PRO A 47 1.70 -11.27 7.91
N PRO A 48 1.83 -10.33 8.83
CA PRO A 48 0.69 -9.79 9.57
C PRO A 48 -0.32 -9.12 8.65
N TYR A 49 -1.58 -9.07 9.08
CA TYR A 49 -2.60 -8.30 8.39
C TYR A 49 -2.32 -6.81 8.55
N VAL A 50 -2.53 -6.04 7.50
CA VAL A 50 -2.37 -4.59 7.62
C VAL A 50 -3.74 -3.93 7.53
N ALA A 51 -4.03 -3.02 8.44
CA ALA A 51 -5.34 -2.38 8.43
C ALA A 51 -5.26 -0.92 8.83
N ARG A 52 -6.17 -0.10 8.33
CA ARG A 52 -6.28 1.26 8.80
C ARG A 52 -7.34 1.33 9.90
N VAL A 53 -6.96 1.93 11.03
CA VAL A 53 -7.88 2.08 12.14
C VAL A 53 -8.83 3.24 11.89
N GLU A 54 -10.10 2.90 11.64
CA GLU A 54 -11.11 3.90 11.34
C GLU A 54 -11.75 4.43 12.60
N LYS A 55 -11.84 3.59 13.64
CA LYS A 55 -12.45 3.99 14.90
C LYS A 55 -12.06 3.06 16.04
N ILE A 56 -11.90 3.63 17.24
CA ILE A 56 -11.58 2.86 18.43
C ILE A 56 -12.71 2.96 19.47
N GLU A 57 -13.14 1.82 20.01
CA GLU A 57 -14.24 1.76 20.97
C GLU A 57 -14.07 0.59 21.97
N ALA A 58 -14.71 0.67 23.13
CA ALA A 58 -14.56 -0.35 24.18
C ALA A 58 -15.89 -0.81 24.77
N ASP A 59 -15.86 -1.83 25.61
CA ASP A 59 -17.05 -2.18 26.36
C ASP A 59 -16.85 -2.17 27.87
N ALA A 60 -17.79 -2.85 28.55
CA ALA A 60 -17.82 -3.10 29.99
C ALA A 60 -17.20 -4.44 30.28
N ASN A 63 -11.98 -5.74 26.17
CA ASN A 63 -12.63 -4.45 26.39
C ASN A 63 -12.62 -3.56 25.14
N VAL A 64 -11.44 -3.29 24.58
CA VAL A 64 -11.33 -2.33 23.49
C VAL A 64 -11.51 -2.99 22.11
N LYS A 65 -12.29 -2.34 21.25
CA LYS A 65 -12.52 -2.80 19.88
C LYS A 65 -12.03 -1.76 18.88
N VAL A 66 -11.54 -2.23 17.74
CA VAL A 66 -11.13 -1.35 16.66
C VAL A 66 -11.92 -1.67 15.39
N HIS A 67 -12.35 -0.62 14.71
CA HIS A 67 -12.99 -0.77 13.40
C HIS A 67 -11.90 -0.68 12.33
N CYS A 68 -11.63 -1.80 11.68
CA CYS A 68 -10.55 -1.91 10.71
C CYS A 68 -11.04 -1.81 9.28
N ARG A 69 -10.31 -1.05 8.48
CA ARG A 69 -10.44 -1.10 7.03
C ARG A 69 -9.23 -1.87 6.50
N TRP A 70 -9.46 -3.07 6.00
CA TRP A 70 -8.37 -3.95 5.61
C TRP A 70 -7.57 -3.43 4.42
N TYR A 71 -6.24 -3.52 4.54
CA TYR A 71 -5.38 -3.49 3.37
C TYR A 71 -5.23 -4.92 2.87
N TYR A 72 -5.09 -5.08 1.56
CA TYR A 72 -4.82 -6.38 0.98
C TYR A 72 -3.40 -6.41 0.40
N ARG A 73 -2.64 -7.45 0.73
CA ARG A 73 -1.38 -7.68 0.05
C ARG A 73 -1.70 -8.19 -1.35
N PRO A 74 -0.83 -7.95 -2.33
CA PRO A 74 -1.12 -8.40 -3.70
C PRO A 74 -1.45 -9.90 -3.77
N GLU A 75 -0.72 -10.73 -3.03
CA GLU A 75 -1.00 -12.15 -3.02
C GLU A 75 -2.33 -12.48 -2.33
N GLU A 76 -2.81 -11.58 -1.47
CA GLU A 76 -4.08 -11.78 -0.77
C GLU A 76 -5.27 -11.41 -1.65
N SER A 77 -5.01 -10.71 -2.76
CA SER A 77 -6.06 -10.26 -3.65
C SER A 77 -6.53 -11.37 -4.59
N LEU A 78 -7.65 -11.14 -5.26
CA LEU A 78 -8.25 -12.15 -6.13
C LEU A 78 -7.41 -12.49 -7.35
N GLY A 79 -6.73 -11.48 -7.89
CA GLY A 79 -5.89 -11.68 -9.07
C GLY A 79 -4.46 -12.09 -8.74
N GLY A 80 -4.10 -12.01 -7.47
CA GLY A 80 -2.79 -12.43 -7.02
C GLY A 80 -1.70 -11.41 -7.29
N ARG A 81 -0.46 -11.75 -6.93
CA ARG A 81 0.67 -10.86 -7.15
C ARG A 81 1.13 -10.88 -8.61
N ARG A 82 1.35 -9.71 -9.17
CA ARG A 82 1.92 -9.58 -10.51
C ARG A 82 3.33 -9.03 -10.41
N GLN A 83 4.07 -9.09 -11.51
CA GLN A 83 5.47 -8.70 -11.53
C GLN A 83 5.69 -7.23 -11.20
N PHE A 84 4.69 -6.39 -11.46
CA PHE A 84 4.87 -4.95 -11.29
C PHE A 84 4.54 -4.47 -9.86
N HIS A 85 4.04 -5.37 -9.03
CA HIS A 85 3.74 -5.04 -7.63
C HIS A 85 5.01 -5.00 -6.77
N GLY A 86 5.18 -3.93 -6.01
CA GLY A 86 6.32 -3.81 -5.12
C GLY A 86 6.24 -4.76 -3.94
N ALA A 87 7.38 -5.06 -3.34
CA ALA A 87 7.42 -5.95 -2.18
C ALA A 87 6.57 -5.40 -1.02
N LYS A 88 6.53 -4.08 -0.89
CA LYS A 88 5.80 -3.44 0.21
C LYS A 88 4.49 -2.80 -0.25
N GLU A 89 3.99 -3.24 -1.40
CA GLU A 89 2.76 -2.65 -1.95
C GLU A 89 1.52 -3.23 -1.26
N LEU A 90 0.56 -2.36 -1.00
CA LEU A 90 -0.73 -2.75 -0.44
C LEU A 90 -1.89 -2.11 -1.21
N PHE A 91 -3.05 -2.76 -1.17
CA PHE A 91 -4.28 -2.21 -1.76
C PHE A 91 -5.23 -1.78 -0.65
N LEU A 92 -5.75 -0.56 -0.71
CA LEU A 92 -6.74 -0.11 0.27
C LEU A 92 -8.14 -0.61 -0.09
N SER A 93 -8.65 -1.58 0.67
CA SER A 93 -9.93 -2.19 0.33
C SER A 93 -11.13 -1.47 0.94
N ASP A 94 -12.32 -1.94 0.56
CA ASP A 94 -13.58 -1.49 1.12
C ASP A 94 -14.08 -2.51 2.12
N HIS A 95 -13.18 -3.41 2.52
CA HIS A 95 -13.51 -4.49 3.42
C HIS A 95 -13.31 -4.04 4.87
N PHE A 96 -14.40 -3.98 5.63
CA PHE A 96 -14.36 -3.56 7.02
C PHE A 96 -14.54 -4.74 7.97
N ASP A 97 -13.99 -4.60 9.17
CA ASP A 97 -14.15 -5.62 10.20
C ASP A 97 -14.00 -5.03 11.58
N VAL A 98 -14.62 -5.66 12.58
CA VAL A 98 -14.38 -5.25 13.96
C VAL A 98 -13.45 -6.26 14.61
N GLN A 99 -12.35 -5.77 15.18
CA GLN A 99 -11.40 -6.68 15.82
C GLN A 99 -11.11 -6.25 17.25
N SER A 100 -10.74 -7.20 18.09
CA SER A 100 -10.21 -6.87 19.40
C SER A 100 -8.92 -6.09 19.23
N ALA A 101 -8.77 -4.99 19.97
CA ALA A 101 -7.56 -4.17 19.90
C ALA A 101 -6.34 -4.96 20.34
N HIS A 102 -6.59 -6.05 21.06
CA HIS A 102 -5.51 -6.90 21.51
C HIS A 102 -4.89 -7.68 20.38
N THR A 103 -5.51 -7.68 19.20
CA THR A 103 -4.92 -8.38 18.06
C THR A 103 -3.83 -7.56 17.39
N ILE A 104 -3.64 -6.33 17.87
CA ILE A 104 -2.65 -5.43 17.27
C ILE A 104 -1.23 -5.73 17.75
N GLU A 105 -0.36 -6.07 16.79
CA GLU A 105 1.06 -6.33 17.06
C GLU A 105 1.88 -5.05 17.12
N GLY A 106 1.67 -4.16 16.16
CA GLY A 106 2.45 -2.94 16.10
C GLY A 106 1.86 -1.95 15.12
N LYS A 107 2.58 -0.85 14.90
CA LYS A 107 2.15 0.17 13.95
C LYS A 107 3.00 0.11 12.69
N CYS A 108 2.46 0.67 11.61
CA CYS A 108 3.23 0.82 10.39
C CYS A 108 2.77 2.08 9.68
N ILE A 109 3.46 2.44 8.60
CA ILE A 109 3.08 3.60 7.81
C ILE A 109 2.82 3.18 6.37
N VAL A 110 1.60 3.44 5.90
CA VAL A 110 1.27 3.18 4.52
C VAL A 110 1.37 4.49 3.74
N HIS A 111 2.49 4.66 3.04
CA HIS A 111 2.78 5.89 2.31
C HIS A 111 1.99 5.98 1.01
N THR A 112 1.87 7.20 0.49
CA THR A 112 1.50 7.36 -0.91
C THR A 112 2.65 6.83 -1.75
N PHE A 113 2.38 6.49 -3.01
CA PHE A 113 3.39 5.95 -3.91
C PHE A 113 4.57 6.91 -4.06
N LYS A 114 4.24 8.16 -4.39
CA LYS A 114 5.22 9.22 -4.56
C LYS A 114 6.09 9.40 -3.31
N ASN A 115 5.45 9.45 -2.15
CA ASN A 115 6.19 9.63 -0.90
C ASN A 115 7.06 8.41 -0.59
N TYR A 116 6.55 7.22 -0.91
CA TYR A 116 7.33 6.00 -0.73
C TYR A 116 8.61 6.04 -1.55
N THR A 117 8.50 6.43 -2.82
CA THR A 117 9.67 6.45 -3.70
C THR A 117 10.70 7.47 -3.24
N ARG A 118 10.29 8.39 -2.39
CA ARG A 118 11.20 9.44 -1.94
C ARG A 118 11.81 9.16 -0.56
N LEU A 119 11.47 8.01 0.02
CA LEU A 119 12.09 7.60 1.27
C LEU A 119 13.58 7.34 1.05
N GLU A 120 14.42 7.86 1.94
CA GLU A 120 15.86 7.62 1.83
C GLU A 120 16.20 6.23 2.36
N ASN A 121 15.33 5.71 3.22
CA ASN A 121 15.46 4.34 3.70
C ASN A 121 14.09 3.69 3.89
N VAL A 122 13.90 2.54 3.26
CA VAL A 122 12.65 1.79 3.43
C VAL A 122 12.80 0.76 4.54
N GLY A 123 12.09 0.98 5.64
CA GLY A 123 12.17 0.10 6.79
C GLY A 123 11.06 -0.94 6.79
N ALA A 124 11.12 -1.87 7.75
CA ALA A 124 10.16 -2.97 7.81
C ALA A 124 8.72 -2.48 7.95
N GLU A 125 8.54 -1.30 8.54
CA GLU A 125 7.20 -0.77 8.77
C GLU A 125 6.70 0.12 7.63
N ASP A 126 7.55 0.32 6.62
CA ASP A 126 7.20 1.21 5.52
C ASP A 126 6.53 0.48 4.35
N TYR A 127 5.26 0.78 4.12
CA TYR A 127 4.51 0.23 3.00
C TYR A 127 4.05 1.35 2.09
N TYR A 128 3.40 1.00 0.98
CA TYR A 128 2.78 2.01 0.15
C TYR A 128 1.50 1.50 -0.49
N CYS A 129 0.71 2.43 -0.99
CA CYS A 129 -0.55 2.10 -1.62
C CYS A 129 -0.85 3.06 -2.76
N ARG A 130 -1.12 2.52 -3.95
CA ARG A 130 -1.51 3.32 -5.10
C ARG A 130 -2.88 2.89 -5.62
N PHE A 131 -3.34 1.72 -5.19
CA PHE A 131 -4.65 1.22 -5.63
C PHE A 131 -5.63 1.03 -4.48
N GLU A 132 -6.88 1.42 -4.72
CA GLU A 132 -8.00 0.97 -3.91
C GLU A 132 -8.51 -0.33 -4.53
N TYR A 133 -9.15 -1.16 -3.71
CA TYR A 133 -9.50 -2.52 -4.11
C TYR A 133 -10.90 -2.89 -3.64
N LYS A 134 -11.76 -3.29 -4.58
CA LYS A 134 -13.10 -3.75 -4.23
C LYS A 134 -13.06 -5.24 -3.93
N ALA A 135 -13.10 -5.56 -2.64
CA ALA A 135 -12.86 -6.93 -2.19
C ALA A 135 -13.90 -7.91 -2.72
N ALA A 136 -15.10 -7.42 -2.98
CA ALA A 136 -16.20 -8.28 -3.42
C ALA A 136 -16.08 -8.68 -4.89
N THR A 137 -15.33 -7.91 -5.67
CA THR A 137 -15.20 -8.18 -7.10
C THR A 137 -13.75 -8.31 -7.56
N GLY A 138 -12.85 -7.64 -6.86
CA GLY A 138 -11.45 -7.63 -7.24
C GLY A 138 -11.10 -6.50 -8.18
N ALA A 139 -12.03 -5.56 -8.32
CA ALA A 139 -11.82 -4.39 -9.19
C ALA A 139 -10.86 -3.40 -8.53
N PHE A 140 -10.04 -2.75 -9.36
CA PHE A 140 -9.07 -1.78 -8.87
C PHE A 140 -9.48 -0.35 -9.19
N THR A 141 -9.12 0.57 -8.31
CA THR A 141 -9.26 2.00 -8.59
C THR A 141 -7.91 2.68 -8.38
N PRO A 142 -7.39 3.34 -9.41
CA PRO A 142 -7.95 3.45 -10.76
C PRO A 142 -7.82 2.14 -11.55
N ASP A 143 -8.59 1.99 -12.61
CA ASP A 143 -8.54 0.77 -13.41
C ASP A 143 -7.49 0.88 -14.52
N ARG A 144 -6.88 2.06 -14.63
CA ARG A 144 -5.86 2.30 -15.64
C ARG A 144 -4.64 2.98 -15.02
N VAL A 145 -3.46 2.51 -15.39
CA VAL A 145 -2.21 3.11 -14.92
C VAL A 145 -1.20 3.27 -16.05
N ALA A 146 -0.24 4.15 -15.83
CA ALA A 146 0.82 4.38 -16.82
C ALA A 146 1.72 3.16 -16.90
N VAL A 147 2.18 2.86 -18.12
CA VAL A 147 3.12 1.78 -18.36
C VAL A 147 4.38 2.24 -19.05
N TYR A 148 5.46 1.50 -18.89
CA TYR A 148 6.78 1.92 -19.30
C TYR A 148 7.61 0.82 -19.92
N CYS A 149 8.63 1.19 -20.66
CA CYS A 149 9.65 0.27 -21.14
C CYS A 149 9.17 -0.55 -22.31
N LYS A 150 10.02 -1.41 -22.81
CA LYS A 150 9.66 -2.35 -23.85
C LYS A 150 8.59 -3.30 -23.37
N CYS A 151 8.66 -3.69 -22.12
CA CYS A 151 7.75 -4.69 -21.56
C CYS A 151 6.37 -4.12 -21.24
N GLU A 152 6.19 -2.83 -21.51
CA GLU A 152 4.92 -2.09 -21.31
C GLU A 152 4.24 -2.36 -19.97
N MET A 153 5.03 -2.40 -18.89
CA MET A 153 4.51 -2.70 -17.57
C MET A 153 4.42 -1.45 -16.69
N PRO A 154 3.52 -1.49 -15.69
CA PRO A 154 3.48 -0.43 -14.68
C PRO A 154 4.78 -0.36 -13.89
N TYR A 155 5.06 0.80 -13.31
CA TYR A 155 6.31 0.99 -12.57
C TYR A 155 6.34 0.18 -11.27
N ASN A 156 7.37 -0.65 -11.14
CA ASN A 156 7.66 -1.36 -9.90
C ASN A 156 8.84 -0.64 -9.22
N PRO A 157 8.58 0.02 -8.09
CA PRO A 157 9.59 0.84 -7.41
C PRO A 157 10.80 0.03 -6.95
N ASP A 158 10.63 -1.28 -6.84
CA ASP A 158 11.74 -2.15 -6.45
C ASP A 158 12.75 -2.32 -7.58
N ASP A 159 12.33 -2.09 -8.82
CA ASP A 159 13.20 -2.32 -9.96
C ASP A 159 13.86 -1.04 -10.46
N LEU A 160 15.18 -1.07 -10.61
CA LEU A 160 15.90 0.06 -11.15
C LEU A 160 15.44 0.32 -12.58
N MET A 161 15.25 1.60 -12.92
CA MET A 161 14.93 1.99 -14.28
C MET A 161 15.71 3.24 -14.65
N VAL A 162 16.02 3.37 -15.93
CA VAL A 162 16.74 4.54 -16.43
C VAL A 162 15.88 5.25 -17.45
N GLN A 163 15.95 6.59 -17.44
CA GLN A 163 15.13 7.38 -18.35
C GLN A 163 15.91 7.79 -19.60
N CYS A 164 15.27 7.64 -20.75
CA CYS A 164 15.84 8.13 -21.99
C CYS A 164 15.78 9.64 -22.06
N GLU A 165 16.85 10.25 -22.59
CA GLU A 165 16.90 11.70 -22.74
C GLU A 165 16.11 12.17 -23.95
N GLY A 166 15.37 11.25 -24.57
CA GLY A 166 14.55 11.57 -25.71
C GLY A 166 13.07 11.32 -25.46
N CYS A 167 12.73 10.09 -25.08
CA CYS A 167 11.33 9.72 -24.87
C CYS A 167 10.81 10.26 -23.54
N LYS A 168 11.73 10.37 -22.57
CA LYS A 168 11.40 10.54 -21.15
C LYS A 168 10.76 9.26 -20.63
N ASP A 169 10.70 8.24 -21.48
CA ASP A 169 10.23 6.92 -21.11
C ASP A 169 11.29 6.24 -20.25
N TRP A 170 10.86 5.35 -19.37
CA TRP A 170 11.79 4.67 -18.47
C TRP A 170 11.98 3.23 -18.90
N TYR A 171 13.18 2.70 -18.67
CA TYR A 171 13.51 1.37 -19.13
C TYR A 171 14.18 0.52 -18.06
N HIS A 172 13.76 -0.74 -17.97
CA HIS A 172 14.53 -1.73 -17.24
C HIS A 172 15.79 -2.01 -18.03
N PRO A 173 16.97 -1.94 -17.37
CA PRO A 173 18.24 -2.24 -18.02
C PRO A 173 18.23 -3.59 -18.75
N ALA A 174 17.74 -4.63 -18.09
CA ALA A 174 17.70 -5.97 -18.69
C ALA A 174 16.90 -5.98 -19.99
N CYS A 175 15.86 -5.14 -20.05
CA CYS A 175 15.02 -5.07 -21.23
C CYS A 175 15.71 -4.38 -22.40
N VAL A 176 16.71 -3.54 -22.11
CA VAL A 176 17.45 -2.88 -23.17
C VAL A 176 18.84 -3.48 -23.30
N GLY A 177 19.00 -4.69 -22.77
CA GLY A 177 20.21 -5.47 -22.99
C GLY A 177 21.42 -5.09 -22.16
N MET A 178 21.21 -4.41 -21.04
CA MET A 178 22.35 -4.06 -20.19
C MET A 178 22.14 -4.48 -18.75
N THR A 179 23.26 -4.66 -18.04
CA THR A 179 23.22 -5.08 -16.64
C THR A 179 22.91 -3.90 -15.73
N ILE A 180 22.53 -4.20 -14.48
CA ILE A 180 22.26 -3.18 -13.49
C ILE A 180 23.50 -2.33 -13.22
N GLU A 181 24.67 -2.97 -13.14
CA GLU A 181 25.91 -2.25 -12.93
C GLU A 181 26.18 -1.24 -14.04
N GLU A 182 26.09 -1.71 -15.28
CA GLU A 182 26.29 -0.85 -16.45
C GLU A 182 25.35 0.36 -16.40
N ALA A 183 24.07 0.09 -16.14
CA ALA A 183 23.09 1.15 -16.01
C ALA A 183 23.49 2.17 -14.95
N LYS A 184 23.89 1.67 -13.78
CA LYS A 184 24.32 2.54 -12.69
C LYS A 184 25.51 3.40 -13.07
N LYS A 185 26.34 2.90 -13.99
CA LYS A 185 27.54 3.63 -14.38
C LYS A 185 27.31 4.74 -15.41
N LEU A 186 26.12 4.80 -16.00
CA LEU A 186 25.88 5.67 -17.16
C LEU A 186 25.95 7.18 -16.86
N ASP A 187 26.64 7.91 -17.74
CA ASP A 187 26.72 9.38 -17.71
C ASP A 187 25.45 10.00 -18.30
N HIS A 188 25.07 9.46 -19.46
CA HIS A 188 23.79 9.68 -20.18
C HIS A 188 23.10 8.36 -20.52
N PHE A 189 21.91 8.50 -21.09
CA PHE A 189 21.23 7.41 -21.75
C PHE A 189 20.23 7.89 -22.79
N VAL A 190 20.46 7.54 -24.05
CA VAL A 190 19.46 7.71 -25.11
C VAL A 190 19.09 6.38 -25.67
N CYS A 191 17.81 6.09 -25.66
CA CYS A 191 17.31 4.79 -26.05
C CYS A 191 17.20 4.58 -27.53
N ALA A 192 17.18 3.32 -27.92
CA ALA A 192 17.13 2.89 -29.32
C ALA A 192 15.85 3.22 -30.08
N GLU A 193 14.75 3.39 -29.35
CA GLU A 193 13.54 3.90 -29.93
C GLU A 193 13.83 5.31 -30.39
N CYS A 194 14.78 5.96 -29.74
CA CYS A 194 15.14 7.31 -30.07
C CYS A 194 16.31 7.41 -31.07
N SER A 209 14.41 11.22 -8.64
CA SER A 209 13.60 11.14 -9.85
C SER A 209 13.09 9.72 -10.10
N SER A 210 11.84 9.60 -10.50
CA SER A 210 11.21 8.31 -10.76
C SER A 210 9.94 8.45 -11.59
N PRO A 211 9.47 7.36 -12.21
CA PRO A 211 8.21 7.38 -12.98
C PRO A 211 7.00 7.80 -12.14
N ALA A 212 7.12 7.76 -10.82
CA ALA A 212 6.05 8.23 -9.94
C ALA A 212 5.87 9.74 -10.08
N ASP A 213 6.93 10.38 -10.56
CA ASP A 213 7.05 11.83 -10.75
C ASP A 213 6.87 12.20 -12.21
N ASP A 214 6.24 11.30 -12.94
CA ASP A 214 5.91 11.54 -14.31
C ASP A 214 4.43 11.73 -14.39
N VAL A 215 4.01 12.58 -15.31
CA VAL A 215 2.62 12.90 -15.52
C VAL A 215 2.26 12.75 -17.02
N LYS A 216 1.65 11.62 -17.43
CA LYS A 216 1.39 11.33 -18.87
C LYS A 216 0.27 10.36 -19.38
N VAL A 217 0.61 9.14 -19.78
CA VAL A 217 -0.33 8.27 -20.53
C VAL A 217 -0.70 6.83 -20.05
N ARG A 218 -1.98 6.57 -19.88
CA ARG A 218 -2.53 5.50 -19.05
C ARG A 218 -3.14 4.26 -19.75
N LEU A 219 -2.95 3.08 -19.20
CA LEU A 219 -3.45 1.83 -19.75
C LEU A 219 -4.10 0.94 -18.71
N SER A 220 -4.98 0.08 -19.17
CA SER A 220 -5.71 -0.79 -18.25
C SER A 220 -4.89 -2.00 -17.78
N LYS B 4 -5.81 -12.84 20.42
CA LYS B 4 -4.64 -12.23 19.79
C LYS B 4 -4.59 -12.46 18.30
N ALA B 5 -5.04 -13.60 17.83
CA ALA B 5 -5.20 -13.79 16.41
C ALA B 5 -6.43 -13.05 15.91
N ALA B 6 -6.35 -12.50 14.71
CA ALA B 6 -7.49 -11.81 14.14
C ALA B 6 -8.15 -12.71 13.14
N ARG B 7 -9.44 -12.58 13.00
CA ARG B 7 -10.17 -13.35 12.03
C ARG B 7 -10.94 -12.40 11.17
N M3L B 8 -10.69 -12.44 9.89
CA M3L B 8 -11.37 -11.61 8.95
CB M3L B 8 -10.51 -11.63 7.72
CG M3L B 8 -9.19 -10.93 7.83
CD M3L B 8 -8.89 -10.21 6.52
CE M3L B 8 -7.41 -10.20 6.22
NZ M3L B 8 -6.96 -9.73 4.92
C M3L B 8 -12.72 -12.16 8.59
O M3L B 8 -12.84 -13.35 8.42
CM1 M3L B 8 -7.96 -9.13 4.06
CM2 M3L B 8 -6.34 -10.83 4.22
CM3 M3L B 8 -5.92 -8.76 5.15
N SER B 9 -13.71 -11.31 8.45
CA SER B 9 -14.94 -11.70 7.84
C SER B 9 -14.69 -11.95 6.39
N ALA B 10 -15.63 -12.60 5.69
CA ALA B 10 -15.51 -12.78 4.25
C ALA B 10 -16.03 -11.51 3.60
N PRO B 11 -15.37 -11.02 2.53
CA PRO B 11 -15.77 -9.70 2.07
C PRO B 11 -17.25 -9.65 1.80
ZN ZN C . 11.05 -3.61 -19.05
ZN ZN D . 14.45 6.74 -26.44
#